data_3CPC
#
_entry.id   3CPC
#
_cell.length_a   55.361
_cell.length_b   66.865
_cell.length_c   89.858
_cell.angle_alpha   90.00
_cell.angle_beta   93.352
_cell.angle_gamma   90.00
#
_symmetry.space_group_name_H-M   'P 1 21 1'
#
loop_
_entity.id
_entity.type
_entity.pdbx_description
1 polymer 'Vascular endothelial growth factor receptor 2'
2 non-polymer 3-(2-aminoquinazolin-6-yl)-4-methyl-1-[3-(trifluoromethyl)phenyl]pyridin-2(1H)-one
3 water water
#
_entity_poly.entity_id   1
_entity_poly.type   'polypeptide(L)'
_entity_poly.pdbx_seq_one_letter_code
;EHAERLPYDASKWEFPRDRLKLGKPLGRGAFGQVIEADAFGIDKTATCRTVAVKMLKEGATHSEHRALMSELKILIHIGH
HLNVVNLLGACTKPGGPLMVITEFCKFGNLSTYLRSKRNEFVPYKVAPEDLYKDFLTLEHLICYSFQVAKGMEFLASRKC
IHRDLAARNILLSEKNVVKICDFGLARDI(PTR)KDPD(PTR)VRKGDARLPLKWMAPETIFDRVYTIQSDVWSFGVLLW
EIFSLGASPYPGVKIDEEFCRRLKEGTRMRAPDYTTPEMYQTMLDCWHGEPSQRPTFSELVEHLGNLLQANAQQDRHHHH
HH
;
_entity_poly.pdbx_strand_id   A,B
#
loop_
_chem_comp.id
_chem_comp.type
_chem_comp.name
_chem_comp.formula
C52 non-polymer 3-(2-aminoquinazolin-6-yl)-4-methyl-1-[3-(trifluoromethyl)phenyl]pyridin-2(1H)-one 'C21 H15 F3 N4 O'
#
# COMPACT_ATOMS: atom_id res chain seq x y z
N LEU A 6 5.37 -30.21 -15.96
CA LEU A 6 6.17 -29.11 -16.57
C LEU A 6 7.53 -28.98 -15.89
N PRO A 7 8.57 -28.56 -16.65
CA PRO A 7 9.90 -28.45 -16.04
C PRO A 7 10.16 -27.10 -15.35
N TYR A 8 11.05 -27.11 -14.36
CA TYR A 8 11.61 -25.87 -13.84
C TYR A 8 13.12 -25.79 -14.13
N ASP A 9 13.48 -24.85 -15.01
CA ASP A 9 14.88 -24.62 -15.37
C ASP A 9 15.47 -23.57 -14.43
N ALA A 10 16.21 -24.04 -13.43
CA ALA A 10 16.79 -23.20 -12.39
C ALA A 10 17.88 -22.28 -12.89
N SER A 11 18.66 -22.76 -13.86
CA SER A 11 19.81 -22.01 -14.41
C SER A 11 19.37 -20.69 -15.05
N LYS A 12 18.19 -20.71 -15.67
CA LYS A 12 17.62 -19.54 -16.31
C LYS A 12 16.86 -18.64 -15.34
N TRP A 13 16.08 -19.22 -14.44
CA TRP A 13 15.07 -18.46 -13.70
C TRP A 13 15.41 -18.08 -12.24
N GLU A 14 16.23 -18.89 -11.57
CA GLU A 14 16.50 -18.72 -10.14
C GLU A 14 17.20 -17.39 -9.81
N PHE A 15 16.67 -16.72 -8.79
CA PHE A 15 17.16 -15.43 -8.33
C PHE A 15 17.46 -15.53 -6.83
N PRO A 16 18.60 -14.97 -6.37
CA PRO A 16 18.93 -15.08 -4.94
C PRO A 16 18.00 -14.24 -4.06
N ARG A 17 17.63 -14.76 -2.91
CA ARG A 17 16.71 -14.08 -2.00
C ARG A 17 17.29 -12.82 -1.39
N ASP A 18 18.60 -12.80 -1.14
CA ASP A 18 19.22 -11.61 -0.58
C ASP A 18 19.41 -10.46 -1.58
N ARG A 19 19.00 -10.67 -2.82
CA ARG A 19 19.02 -9.62 -3.84
C ARG A 19 17.69 -8.89 -3.94
N LEU A 20 16.75 -9.27 -3.07
CA LEU A 20 15.44 -8.62 -2.99
C LEU A 20 15.30 -7.82 -1.70
N LYS A 21 14.67 -6.65 -1.82
CA LYS A 21 14.18 -5.90 -0.67
C LYS A 21 12.67 -5.77 -0.77
N LEU A 22 11.96 -6.47 0.11
CA LEU A 22 10.49 -6.46 0.11
C LEU A 22 9.92 -5.13 0.60
N GLY A 23 8.82 -4.70 -0.02
CA GLY A 23 8.18 -3.43 0.28
C GLY A 23 6.72 -3.58 0.67
N LYS A 24 5.88 -2.65 0.21
CA LYS A 24 4.46 -2.65 0.59
C LYS A 24 3.63 -3.69 -0.16
N PRO A 25 2.76 -4.41 0.56
CA PRO A 25 1.83 -5.37 -0.05
C PRO A 25 0.89 -4.71 -1.07
N LEU A 26 0.53 -5.45 -2.12
CA LEU A 26 -0.30 -4.93 -3.20
C LEU A 26 -1.70 -5.51 -3.18
N GLN A 33 0.15 -13.78 -1.15
CA GLN A 33 0.28 -12.32 -1.12
C GLN A 33 1.14 -11.80 -2.27
N VAL A 34 0.74 -10.64 -2.82
CA VAL A 34 1.53 -9.96 -3.83
C VAL A 34 2.15 -8.70 -3.21
N ILE A 35 3.47 -8.61 -3.27
CA ILE A 35 4.22 -7.54 -2.63
C ILE A 35 5.07 -6.79 -3.65
N GLU A 36 5.17 -5.47 -3.49
CA GLU A 36 6.14 -4.68 -4.25
C GLU A 36 7.53 -4.92 -3.66
N ALA A 37 8.55 -4.96 -4.51
CA ALA A 37 9.92 -5.18 -4.04
C ALA A 37 10.96 -4.53 -4.93
N ASP A 38 12.14 -4.29 -4.38
CA ASP A 38 13.30 -3.87 -5.16
C ASP A 38 14.19 -5.08 -5.40
N ALA A 39 14.60 -5.26 -6.65
CA ALA A 39 15.44 -6.38 -7.04
C ALA A 39 16.75 -5.88 -7.63
N PHE A 40 17.86 -6.43 -7.14
CA PHE A 40 19.19 -6.05 -7.62
C PHE A 40 19.78 -7.10 -8.57
N GLY A 41 20.02 -6.68 -9.80
CA GLY A 41 20.67 -7.51 -10.80
C GLY A 41 19.79 -8.59 -11.40
N ILE A 42 18.49 -8.32 -11.47
CA ILE A 42 17.57 -9.27 -12.08
C ILE A 42 17.66 -9.21 -13.61
N ASP A 43 18.12 -8.08 -14.14
CA ASP A 43 18.24 -7.85 -15.58
C ASP A 43 19.70 -7.70 -16.03
N LYS A 44 19.88 -7.68 -17.34
CA LYS A 44 21.13 -7.25 -17.96
C LYS A 44 20.97 -5.81 -18.45
N THR A 45 19.78 -5.24 -18.22
CA THR A 45 19.43 -3.89 -18.67
C THR A 45 19.64 -2.82 -17.60
N ALA A 46 19.60 -3.24 -16.33
CA ALA A 46 19.81 -2.34 -15.18
C ALA A 46 20.27 -3.10 -13.94
N THR A 47 20.82 -2.36 -12.97
CA THR A 47 21.22 -2.95 -11.68
C THR A 47 20.02 -3.12 -10.74
N CYS A 48 19.40 -2.00 -10.36
CA CYS A 48 18.25 -2.04 -9.46
C CYS A 48 16.92 -1.79 -10.19
N ARG A 49 15.95 -2.66 -9.96
CA ARG A 49 14.64 -2.60 -10.60
C ARG A 49 13.51 -2.86 -9.60
N THR A 50 12.41 -2.13 -9.73
CA THR A 50 11.21 -2.41 -8.95
C THR A 50 10.47 -3.60 -9.57
N VAL A 51 9.99 -4.51 -8.73
CA VAL A 51 9.33 -5.75 -9.18
C VAL A 51 8.10 -6.07 -8.32
N ALA A 52 7.33 -7.05 -8.75
CA ALA A 52 6.25 -7.60 -7.93
C ALA A 52 6.55 -9.06 -7.58
N VAL A 53 6.28 -9.41 -6.33
CA VAL A 53 6.59 -10.75 -5.83
C VAL A 53 5.32 -11.40 -5.28
N LYS A 54 4.98 -12.58 -5.81
CA LYS A 54 3.95 -13.40 -5.22
C LYS A 54 4.59 -14.50 -4.38
N MET A 55 4.16 -14.60 -3.13
CA MET A 55 4.70 -15.57 -2.19
C MET A 55 3.62 -16.15 -1.28
N LEU A 56 3.90 -17.32 -0.71
CA LEU A 56 2.99 -17.94 0.27
C LEU A 56 3.21 -17.32 1.63
N LYS A 57 2.12 -17.12 2.37
CA LYS A 57 2.16 -16.61 3.74
C LYS A 57 2.85 -17.62 4.66
N GLU A 58 3.17 -17.19 5.89
CA GLU A 58 3.78 -18.08 6.88
C GLU A 58 2.84 -19.23 7.25
N GLY A 59 3.34 -20.45 7.14
CA GLY A 59 2.58 -21.65 7.52
C GLY A 59 1.81 -22.29 6.39
N ALA A 60 2.39 -22.26 5.19
CA ALA A 60 1.79 -22.89 4.01
C ALA A 60 2.06 -24.40 4.00
N THR A 61 1.08 -25.16 3.52
CA THR A 61 1.19 -26.61 3.44
C THR A 61 2.03 -27.06 2.24
N HIS A 62 2.27 -28.37 2.14
CA HIS A 62 2.96 -28.94 0.99
C HIS A 62 2.17 -28.73 -0.31
N SER A 63 0.84 -28.82 -0.21
CA SER A 63 -0.04 -28.67 -1.36
C SER A 63 -0.17 -27.21 -1.82
N GLU A 64 -0.16 -26.28 -0.87
CA GLU A 64 -0.18 -24.85 -1.16
C GLU A 64 1.11 -24.42 -1.87
N HIS A 65 2.23 -25.05 -1.49
CA HIS A 65 3.52 -24.87 -2.13
C HIS A 65 3.49 -25.35 -3.59
N ARG A 66 2.81 -26.47 -3.82
CA ARG A 66 2.66 -27.04 -5.17
C ARG A 66 1.85 -26.14 -6.09
N ALA A 67 0.83 -25.49 -5.53
CA ALA A 67 -0.06 -24.62 -6.29
C ALA A 67 0.68 -23.43 -6.91
N LEU A 68 1.47 -22.72 -6.10
CA LEU A 68 2.27 -21.59 -6.58
C LEU A 68 3.40 -22.06 -7.51
N MET A 69 3.98 -23.22 -7.21
CA MET A 69 5.00 -23.84 -8.08
C MET A 69 4.47 -24.20 -9.47
N SER A 70 3.27 -24.77 -9.51
CA SER A 70 2.63 -25.12 -10.78
C SER A 70 2.28 -23.88 -11.59
N GLU A 71 1.94 -22.82 -10.87
CA GLU A 71 1.64 -21.53 -11.48
C GLU A 71 2.89 -20.89 -12.09
N LEU A 72 4.03 -21.05 -11.39
CA LEU A 72 5.32 -20.58 -11.88
C LEU A 72 5.72 -21.30 -13.16
N LYS A 73 5.60 -22.62 -13.15
CA LYS A 73 5.97 -23.46 -14.30
C LYS A 73 5.11 -23.13 -15.52
N ILE A 74 3.83 -22.86 -15.28
CA ILE A 74 2.87 -22.47 -16.31
C ILE A 74 3.25 -21.12 -16.92
N LEU A 75 3.69 -20.18 -16.09
CA LEU A 75 4.17 -18.88 -16.59
C LEU A 75 5.45 -19.01 -17.43
N ILE A 76 6.32 -19.97 -17.06
CA ILE A 76 7.54 -20.27 -17.84
C ILE A 76 7.16 -20.92 -19.17
N HIS A 77 6.28 -21.92 -19.11
CA HIS A 77 5.82 -22.65 -20.29
C HIS A 77 5.09 -21.73 -21.28
N ILE A 78 4.24 -20.86 -20.74
CA ILE A 78 3.51 -19.85 -21.53
C ILE A 78 4.47 -19.00 -22.37
N GLY A 79 5.54 -18.51 -21.75
CA GLY A 79 6.49 -17.64 -22.44
C GLY A 79 6.06 -16.18 -22.44
N HIS A 80 6.78 -15.36 -23.20
CA HIS A 80 6.66 -13.91 -23.13
C HIS A 80 5.63 -13.32 -24.12
N HIS A 81 4.81 -12.41 -23.60
CA HIS A 81 3.97 -11.53 -24.42
C HIS A 81 3.89 -10.16 -23.76
N LEU A 82 3.95 -9.10 -24.58
CA LEU A 82 3.85 -7.73 -24.08
C LEU A 82 2.62 -7.49 -23.18
N ASN A 83 1.53 -8.18 -23.46
CA ASN A 83 0.26 -7.91 -22.79
C ASN A 83 -0.09 -8.89 -21.65
N VAL A 84 0.90 -9.68 -21.25
CA VAL A 84 0.78 -10.58 -20.11
C VAL A 84 1.90 -10.20 -19.14
N VAL A 85 1.57 -9.99 -17.87
CA VAL A 85 2.58 -9.54 -16.90
C VAL A 85 3.83 -10.44 -16.99
N ASN A 86 4.99 -9.82 -17.19
CA ASN A 86 6.21 -10.54 -17.53
C ASN A 86 6.94 -11.13 -16.32
N LEU A 87 7.09 -12.45 -16.33
CA LEU A 87 7.88 -13.15 -15.31
C LEU A 87 9.36 -12.81 -15.47
N LEU A 88 10.01 -12.50 -14.36
CA LEU A 88 11.43 -12.10 -14.36
C LEU A 88 12.33 -13.13 -13.70
N GLY A 89 11.84 -13.79 -12.66
CA GLY A 89 12.61 -14.81 -11.95
C GLY A 89 11.85 -15.48 -10.83
N ALA A 90 12.55 -16.33 -10.07
CA ALA A 90 11.93 -17.06 -8.97
C ALA A 90 12.93 -17.48 -7.90
N CYS A 91 12.46 -17.51 -6.66
CA CYS A 91 13.20 -18.09 -5.55
C CYS A 91 12.47 -19.37 -5.16
N THR A 92 13.08 -20.52 -5.45
CA THR A 92 12.43 -21.83 -5.30
C THR A 92 13.26 -22.80 -4.46
N LYS A 93 14.58 -22.62 -4.47
CA LYS A 93 15.49 -23.48 -3.71
C LYS A 93 15.36 -23.25 -2.20
N PRO A 94 15.73 -24.26 -1.39
CA PRO A 94 15.63 -24.20 0.07
C PRO A 94 16.34 -22.99 0.67
N GLY A 95 15.88 -22.54 1.83
CA GLY A 95 16.52 -21.42 2.53
C GLY A 95 15.56 -20.30 2.84
N GLY A 96 14.42 -20.27 2.16
CA GLY A 96 13.40 -19.26 2.39
C GLY A 96 12.12 -19.59 1.64
N PRO A 97 11.13 -18.68 1.69
CA PRO A 97 9.85 -18.92 1.04
C PRO A 97 9.91 -18.92 -0.49
N LEU A 98 9.00 -19.68 -1.09
CA LEU A 98 8.80 -19.67 -2.53
C LEU A 98 8.34 -18.29 -2.99
N MET A 99 9.03 -17.76 -4.00
CA MET A 99 8.75 -16.42 -4.49
C MET A 99 8.75 -16.38 -6.02
N VAL A 100 7.66 -15.87 -6.58
CA VAL A 100 7.52 -15.71 -8.02
C VAL A 100 7.59 -14.22 -8.35
N ILE A 101 8.57 -13.85 -9.17
CA ILE A 101 8.89 -12.44 -9.42
C ILE A 101 8.52 -12.01 -10.84
N THR A 102 7.71 -10.96 -10.95
CA THR A 102 7.34 -10.40 -12.24
C THR A 102 7.73 -8.94 -12.33
N GLU A 103 7.48 -8.32 -13.48
CA GLU A 103 7.62 -6.87 -13.61
C GLU A 103 6.62 -6.15 -12.72
N PHE A 104 6.91 -4.90 -12.40
CA PHE A 104 6.00 -4.10 -11.58
C PHE A 104 5.29 -3.06 -12.45
N CYS A 105 3.97 -3.06 -12.38
CA CYS A 105 3.15 -2.07 -13.07
C CYS A 105 2.69 -1.05 -12.03
N LYS A 106 3.36 0.09 -12.01
CA LYS A 106 3.20 1.11 -10.96
C LYS A 106 1.84 1.81 -10.96
N PHE A 107 1.21 1.91 -12.13
CA PHE A 107 -0.09 2.58 -12.25
C PHE A 107 -1.28 1.77 -11.72
N GLY A 108 -1.04 0.51 -11.39
CA GLY A 108 -2.05 -0.36 -10.78
C GLY A 108 -3.07 -0.91 -11.77
N ASN A 109 -4.21 -1.36 -11.25
CA ASN A 109 -5.25 -1.97 -12.07
C ASN A 109 -6.06 -0.98 -12.92
N LEU A 110 -6.61 -1.49 -14.02
CA LEU A 110 -7.29 -0.66 -15.03
C LEU A 110 -8.62 -0.07 -14.55
N SER A 111 -9.35 -0.82 -13.73
CA SER A 111 -10.61 -0.36 -13.15
C SER A 111 -10.41 0.94 -12.36
N THR A 112 -9.47 0.92 -11.42
CA THR A 112 -9.16 2.07 -10.58
C THR A 112 -8.68 3.26 -11.41
N TYR A 113 -7.81 3.00 -12.40
CA TYR A 113 -7.29 4.05 -13.27
C TYR A 113 -8.39 4.75 -14.09
N LEU A 114 -9.26 3.95 -14.72
CA LEU A 114 -10.35 4.50 -15.53
C LEU A 114 -11.30 5.36 -14.70
N ARG A 115 -11.53 4.92 -13.46
CA ARG A 115 -12.36 5.62 -12.49
C ARG A 115 -11.81 6.99 -12.14
N SER A 116 -10.48 7.14 -12.19
CA SER A 116 -9.82 8.39 -11.84
C SER A 116 -9.72 9.36 -13.02
N LYS A 117 -10.13 8.91 -14.20
CA LYS A 117 -10.04 9.69 -15.43
C LYS A 117 -11.39 10.17 -15.94
N ARG A 118 -12.44 10.03 -15.11
CA ARG A 118 -13.80 10.39 -15.51
C ARG A 118 -14.03 11.87 -15.84
N ASN A 119 -13.24 12.76 -15.24
CA ASN A 119 -13.26 14.17 -15.59
C ASN A 119 -12.24 14.51 -16.67
N GLU A 120 -11.52 13.48 -17.13
CA GLU A 120 -10.43 13.67 -18.08
C GLU A 120 -10.66 12.76 -19.29
N PHE A 121 -11.83 12.93 -19.89
CA PHE A 121 -12.21 12.19 -21.10
C PHE A 121 -12.76 13.11 -22.17
N VAL A 122 -12.19 12.98 -23.36
CA VAL A 122 -12.79 13.50 -24.59
C VAL A 122 -12.80 12.35 -25.60
N PRO A 123 -13.82 12.30 -26.47
CA PRO A 123 -13.87 11.18 -27.42
C PRO A 123 -12.69 11.16 -28.41
N TYR A 124 -12.13 12.34 -28.69
CA TYR A 124 -10.96 12.51 -29.57
C TYR A 124 -10.36 13.90 -29.33
N LYS A 125 -9.12 14.10 -29.79
CA LYS A 125 -8.42 15.36 -29.64
C LYS A 125 -8.37 16.17 -30.94
N VAL A 126 -8.47 17.49 -30.81
CA VAL A 126 -8.18 18.44 -31.90
C VAL A 126 -7.25 19.56 -31.39
N ALA A 127 -6.86 20.48 -32.27
CA ALA A 127 -6.04 21.63 -31.88
C ALA A 127 -6.87 22.69 -31.16
N PRO A 128 -6.34 23.25 -30.05
CA PRO A 128 -5.06 22.93 -29.43
C PRO A 128 -5.12 21.69 -28.51
N GLU A 129 -4.26 20.72 -28.81
CA GLU A 129 -4.25 19.43 -28.13
C GLU A 129 -3.90 19.48 -26.64
N ASP A 130 -3.25 20.56 -26.21
CA ASP A 130 -2.84 20.72 -24.80
C ASP A 130 -4.02 20.85 -23.83
N LEU A 131 -5.19 21.18 -24.35
CA LEU A 131 -6.42 21.23 -23.55
C LEU A 131 -6.81 19.82 -23.05
N TYR A 132 -6.27 18.80 -23.70
CA TYR A 132 -6.60 17.42 -23.38
C TYR A 132 -5.36 16.62 -23.02
N LYS A 133 -4.43 17.28 -22.32
CA LYS A 133 -3.19 16.66 -21.89
C LYS A 133 -3.49 15.54 -20.90
N ASP A 134 -3.01 14.33 -21.21
CA ASP A 134 -3.19 13.14 -20.40
C ASP A 134 -4.67 12.68 -20.29
N PHE A 135 -5.55 13.27 -21.09
CA PHE A 135 -6.95 12.85 -21.18
C PHE A 135 -7.04 11.47 -21.83
N LEU A 136 -8.08 10.72 -21.46
CA LEU A 136 -8.42 9.50 -22.17
C LEU A 136 -9.33 9.84 -23.34
N THR A 137 -9.16 9.09 -24.43
CA THR A 137 -9.99 9.22 -25.62
C THR A 137 -10.54 7.85 -26.00
N LEU A 138 -11.36 7.81 -27.06
CA LEU A 138 -11.84 6.55 -27.60
C LEU A 138 -10.71 5.64 -28.11
N GLU A 139 -9.67 6.24 -28.67
CA GLU A 139 -8.49 5.48 -29.11
C GLU A 139 -7.87 4.71 -27.94
N HIS A 140 -7.75 5.36 -26.79
CA HIS A 140 -7.22 4.73 -25.56
C HIS A 140 -8.04 3.50 -25.17
N LEU A 141 -9.36 3.69 -25.08
CA LEU A 141 -10.27 2.66 -24.63
C LEU A 141 -10.32 1.46 -25.56
N ILE A 142 -10.35 1.73 -26.87
CA ILE A 142 -10.30 0.67 -27.88
C ILE A 142 -8.92 0.02 -27.86
N CYS A 143 -7.89 0.81 -27.63
CA CYS A 143 -6.53 0.31 -27.57
C CYS A 143 -6.28 -0.63 -26.38
N TYR A 144 -6.78 -0.29 -25.20
CA TYR A 144 -6.73 -1.19 -24.04
C TYR A 144 -7.45 -2.50 -24.35
N SER A 145 -8.62 -2.41 -24.99
CA SER A 145 -9.43 -3.57 -25.39
C SER A 145 -8.67 -4.49 -26.35
N PHE A 146 -8.07 -3.89 -27.37
CA PHE A 146 -7.26 -4.57 -28.38
C PHE A 146 -6.09 -5.31 -27.75
N GLN A 147 -5.38 -4.64 -26.85
CA GLN A 147 -4.24 -5.21 -26.14
C GLN A 147 -4.55 -6.43 -25.26
N VAL A 148 -5.65 -6.33 -24.50
CA VAL A 148 -6.13 -7.44 -23.69
C VAL A 148 -6.58 -8.60 -24.58
N ALA A 149 -7.21 -8.28 -25.71
CA ALA A 149 -7.62 -9.32 -26.67
C ALA A 149 -6.43 -10.11 -27.19
N LYS A 150 -5.34 -9.40 -27.50
CA LYS A 150 -4.10 -10.02 -27.99
C LYS A 150 -3.41 -10.90 -26.95
N GLY A 151 -3.37 -10.42 -25.71
CA GLY A 151 -2.84 -11.21 -24.60
C GLY A 151 -3.67 -12.46 -24.33
N MET A 152 -4.99 -12.34 -24.41
CA MET A 152 -5.90 -13.47 -24.29
C MET A 152 -5.81 -14.46 -25.47
N GLU A 153 -5.55 -13.95 -26.67
CA GLU A 153 -5.34 -14.81 -27.85
C GLU A 153 -4.01 -15.58 -27.70
N PHE A 154 -3.04 -14.93 -27.07
CA PHE A 154 -1.76 -15.54 -26.76
C PHE A 154 -1.92 -16.67 -25.74
N LEU A 155 -2.74 -16.42 -24.72
CA LEU A 155 -3.01 -17.40 -23.67
C LEU A 155 -3.85 -18.58 -24.19
N ALA A 156 -4.93 -18.27 -24.90
CA ALA A 156 -5.80 -19.29 -25.52
C ALA A 156 -5.06 -20.21 -26.49
N SER A 157 -4.09 -19.65 -27.22
CA SER A 157 -3.26 -20.41 -28.16
C SER A 157 -2.38 -21.43 -27.45
N ARG A 158 -2.08 -21.17 -26.18
CA ARG A 158 -1.27 -22.06 -25.36
C ARG A 158 -2.12 -22.94 -24.44
N LYS A 159 -3.40 -23.10 -24.81
CA LYS A 159 -4.39 -23.93 -24.08
C LYS A 159 -4.68 -23.45 -22.66
N CYS A 160 -4.45 -22.16 -22.39
CA CYS A 160 -4.66 -21.58 -21.06
C CYS A 160 -6.02 -20.92 -20.92
N ILE A 161 -6.60 -21.07 -19.73
CA ILE A 161 -7.85 -20.43 -19.36
C ILE A 161 -7.59 -19.54 -18.15
N HIS A 162 -7.96 -18.26 -18.24
CA HIS A 162 -7.67 -17.31 -17.17
C HIS A 162 -8.58 -17.49 -15.94
N ARG A 163 -9.88 -17.67 -16.20
CA ARG A 163 -10.89 -17.93 -15.16
C ARG A 163 -11.38 -16.70 -14.37
N ASP A 164 -10.58 -15.63 -14.36
CA ASP A 164 -10.92 -14.43 -13.59
C ASP A 164 -10.60 -13.14 -14.36
N LEU A 165 -11.04 -13.10 -15.62
CA LEU A 165 -10.78 -11.94 -16.47
C LEU A 165 -11.73 -10.80 -16.11
N ALA A 166 -11.14 -9.72 -15.61
CA ALA A 166 -11.86 -8.56 -15.10
C ALA A 166 -10.90 -7.38 -15.14
N ALA A 167 -11.44 -6.16 -15.14
CA ALA A 167 -10.60 -4.93 -15.15
C ALA A 167 -9.63 -4.84 -13.98
N ARG A 168 -10.02 -5.42 -12.84
CA ARG A 168 -9.15 -5.48 -11.65
C ARG A 168 -7.89 -6.31 -11.87
N ASN A 169 -7.94 -7.21 -12.87
CA ASN A 169 -6.81 -8.04 -13.22
C ASN A 169 -6.08 -7.59 -14.48
N ILE A 170 -6.32 -6.34 -14.87
CA ILE A 170 -5.59 -5.72 -15.97
C ILE A 170 -4.75 -4.59 -15.38
N LEU A 171 -3.46 -4.60 -15.70
CA LEU A 171 -2.53 -3.63 -15.14
C LEU A 171 -2.12 -2.60 -16.17
N LEU A 172 -2.00 -1.34 -15.74
CA LEU A 172 -1.50 -0.30 -16.62
C LEU A 172 0.00 -0.08 -16.41
N SER A 173 0.75 -0.22 -17.49
CA SER A 173 2.19 0.03 -17.49
C SER A 173 2.48 1.40 -18.14
N GLU A 174 3.75 1.67 -18.40
CA GLU A 174 4.15 2.90 -19.10
C GLU A 174 3.66 2.90 -20.56
N LYS A 175 3.49 4.10 -21.10
CA LYS A 175 3.11 4.33 -22.50
C LYS A 175 1.84 3.60 -22.95
N ASN A 176 0.86 3.57 -22.05
CA ASN A 176 -0.48 3.00 -22.29
C ASN A 176 -0.49 1.53 -22.70
N VAL A 177 0.48 0.78 -22.17
CA VAL A 177 0.55 -0.66 -22.33
C VAL A 177 -0.20 -1.30 -21.16
N VAL A 178 -1.15 -2.18 -21.48
CA VAL A 178 -1.85 -2.92 -20.44
C VAL A 178 -1.39 -4.38 -20.38
N LYS A 179 -1.47 -4.97 -19.19
CA LYS A 179 -0.98 -6.32 -18.97
C LYS A 179 -1.96 -7.16 -18.16
N ILE A 180 -2.18 -8.37 -18.61
CA ILE A 180 -3.01 -9.33 -17.92
C ILE A 180 -2.25 -9.89 -16.72
N CYS A 181 -2.86 -9.79 -15.55
CA CYS A 181 -2.32 -10.36 -14.34
C CYS A 181 -3.36 -11.25 -13.66
N ASP A 182 -3.02 -11.79 -12.50
CA ASP A 182 -3.94 -12.60 -11.72
C ASP A 182 -3.69 -12.36 -10.23
N PHE A 183 -4.43 -11.40 -9.66
CA PHE A 183 -4.33 -11.07 -8.24
C PHE A 183 -4.82 -12.22 -7.37
N LEU A 203 -17.78 -8.62 -6.86
CA LEU A 203 -18.20 -10.00 -6.66
C LEU A 203 -18.10 -10.81 -7.96
N PRO A 204 -17.19 -11.81 -7.99
CA PRO A 204 -16.79 -12.62 -9.15
C PRO A 204 -17.91 -13.15 -10.05
N LEU A 205 -19.09 -13.40 -9.48
CA LEU A 205 -20.25 -13.90 -10.22
C LEU A 205 -20.65 -13.01 -11.40
N LYS A 206 -20.39 -11.71 -11.29
CA LYS A 206 -20.76 -10.74 -12.33
C LYS A 206 -19.87 -10.83 -13.58
N TRP A 207 -18.81 -11.62 -13.49
CA TRP A 207 -17.90 -11.84 -14.61
C TRP A 207 -18.00 -13.26 -15.19
N MET A 208 -18.78 -14.12 -14.53
CA MET A 208 -18.88 -15.54 -14.90
C MET A 208 -19.94 -15.83 -15.97
N ALA A 209 -19.57 -16.65 -16.94
CA ALA A 209 -20.48 -17.12 -17.98
C ALA A 209 -21.57 -18.02 -17.37
N PRO A 210 -22.77 -18.03 -17.98
CA PRO A 210 -23.89 -18.86 -17.52
C PRO A 210 -23.49 -20.31 -17.28
N GLU A 211 -22.75 -20.90 -18.22
CA GLU A 211 -22.33 -22.30 -18.11
C GLU A 211 -21.33 -22.52 -16.97
N THR A 212 -20.57 -21.49 -16.64
CA THR A 212 -19.67 -21.52 -15.49
C THR A 212 -20.43 -21.44 -14.17
N ILE A 213 -21.45 -20.58 -14.13
CA ILE A 213 -22.32 -20.47 -12.96
C ILE A 213 -23.09 -21.76 -12.72
N PHE A 214 -23.79 -22.24 -13.74
CA PHE A 214 -24.75 -23.33 -13.57
C PHE A 214 -24.17 -24.74 -13.69
N ASP A 215 -23.07 -24.89 -14.45
CA ASP A 215 -22.47 -26.22 -14.67
C ASP A 215 -21.03 -26.35 -14.16
N ARG A 216 -20.46 -25.23 -13.70
CA ARG A 216 -19.04 -25.16 -13.32
C ARG A 216 -18.08 -25.52 -14.46
N VAL A 217 -18.46 -25.14 -15.67
CA VAL A 217 -17.65 -25.36 -16.87
C VAL A 217 -16.76 -24.13 -17.15
N TYR A 218 -15.44 -24.36 -17.19
CA TYR A 218 -14.49 -23.33 -17.53
C TYR A 218 -13.82 -23.66 -18.86
N THR A 219 -13.99 -22.79 -19.85
CA THR A 219 -13.32 -22.92 -21.15
C THR A 219 -12.82 -21.56 -21.61
N ILE A 220 -12.09 -21.57 -22.72
CA ILE A 220 -11.71 -20.36 -23.43
C ILE A 220 -12.94 -19.52 -23.82
N GLN A 221 -14.05 -20.20 -24.14
CA GLN A 221 -15.30 -19.54 -24.48
C GLN A 221 -15.92 -18.79 -23.31
N SER A 222 -15.71 -19.29 -22.09
CA SER A 222 -16.19 -18.59 -20.89
C SER A 222 -15.32 -17.39 -20.55
N ASP A 223 -14.04 -17.44 -20.95
CA ASP A 223 -13.15 -16.28 -20.87
C ASP A 223 -13.57 -15.15 -21.82
N VAL A 224 -14.13 -15.55 -22.97
CA VAL A 224 -14.66 -14.60 -23.96
C VAL A 224 -15.86 -13.85 -23.37
N TRP A 225 -16.74 -14.57 -22.67
CA TRP A 225 -17.83 -13.95 -21.92
C TRP A 225 -17.31 -12.87 -20.97
N SER A 226 -16.32 -13.23 -20.16
CA SER A 226 -15.68 -12.33 -19.21
C SER A 226 -15.03 -11.13 -19.88
N PHE A 227 -14.40 -11.36 -21.04
CA PHE A 227 -13.85 -10.27 -21.86
C PHE A 227 -14.93 -9.23 -22.21
N GLY A 228 -16.12 -9.71 -22.57
CA GLY A 228 -17.28 -8.86 -22.83
C GLY A 228 -17.66 -7.98 -21.65
N VAL A 229 -17.65 -8.56 -20.44
CA VAL A 229 -17.89 -7.81 -19.20
C VAL A 229 -16.75 -6.81 -18.96
N LEU A 230 -15.52 -7.23 -19.25
CA LEU A 230 -14.36 -6.34 -19.23
C LEU A 230 -14.50 -5.15 -20.19
N LEU A 231 -15.01 -5.40 -21.41
CA LEU A 231 -15.30 -4.33 -22.37
C LEU A 231 -16.27 -3.31 -21.81
N TRP A 232 -17.32 -3.80 -21.15
CA TRP A 232 -18.32 -2.94 -20.52
C TRP A 232 -17.67 -2.06 -19.46
N GLU A 233 -16.74 -2.65 -18.70
CA GLU A 233 -15.96 -1.94 -17.67
C GLU A 233 -15.10 -0.83 -18.26
N ILE A 234 -14.43 -1.11 -19.37
CA ILE A 234 -13.60 -0.12 -20.05
C ILE A 234 -14.46 1.04 -20.54
N PHE A 235 -15.55 0.72 -21.25
CA PHE A 235 -16.37 1.75 -21.88
C PHE A 235 -17.44 2.34 -20.97
N SER A 236 -17.30 2.10 -19.66
CA SER A 236 -18.06 2.80 -18.63
C SER A 236 -17.07 3.53 -17.71
N LEU A 237 -15.79 3.47 -18.08
CA LEU A 237 -14.68 4.01 -17.27
C LEU A 237 -14.66 3.48 -15.83
N GLY A 238 -14.53 2.16 -15.70
CA GLY A 238 -14.36 1.50 -14.41
C GLY A 238 -15.58 1.40 -13.51
N ALA A 239 -16.77 1.40 -14.10
CA ALA A 239 -17.99 1.18 -13.34
C ALA A 239 -18.12 -0.28 -12.95
N SER A 240 -18.87 -0.54 -11.89
CA SER A 240 -19.16 -1.89 -11.46
C SER A 240 -20.26 -2.47 -12.35
N PRO A 241 -20.03 -3.69 -12.90
CA PRO A 241 -21.02 -4.40 -13.75
C PRO A 241 -22.37 -4.58 -13.10
N TYR A 242 -23.42 -4.60 -13.91
CA TYR A 242 -24.82 -4.70 -13.45
C TYR A 242 -25.11 -3.71 -12.31
N PRO A 243 -25.08 -2.40 -12.63
CA PRO A 243 -25.23 -1.35 -11.60
C PRO A 243 -26.54 -1.48 -10.84
N GLY A 244 -26.45 -1.57 -9.51
CA GLY A 244 -27.61 -1.60 -8.63
C GLY A 244 -28.42 -2.89 -8.63
N VAL A 245 -27.90 -3.92 -9.30
CA VAL A 245 -28.58 -5.21 -9.36
C VAL A 245 -28.10 -6.12 -8.23
N LYS A 246 -29.04 -6.69 -7.50
CA LYS A 246 -28.73 -7.65 -6.44
C LYS A 246 -28.27 -8.95 -7.09
N ILE A 247 -27.15 -9.48 -6.61
CA ILE A 247 -26.57 -10.68 -7.18
C ILE A 247 -27.07 -11.89 -6.40
N ASP A 248 -28.31 -12.27 -6.70
CA ASP A 248 -28.95 -13.42 -6.08
C ASP A 248 -29.30 -14.47 -7.13
N GLU A 249 -30.30 -15.31 -6.84
CA GLU A 249 -30.72 -16.36 -7.77
C GLU A 249 -31.54 -15.80 -8.93
N GLU A 250 -32.18 -14.65 -8.71
CA GLU A 250 -32.91 -13.96 -9.78
C GLU A 250 -31.99 -13.36 -10.83
N PHE A 251 -30.85 -12.83 -10.39
CA PHE A 251 -29.81 -12.35 -11.30
C PHE A 251 -29.31 -13.47 -12.23
N CYS A 252 -29.03 -14.64 -11.65
CA CYS A 252 -28.55 -15.80 -12.39
C CYS A 252 -29.61 -16.35 -13.35
N ARG A 253 -30.86 -16.35 -12.89
CA ARG A 253 -31.99 -16.80 -13.67
C ARG A 253 -32.15 -15.94 -14.93
N ARG A 254 -32.14 -14.63 -14.72
CA ARG A 254 -32.29 -13.68 -15.83
C ARG A 254 -31.11 -13.73 -16.81
N LEU A 255 -29.91 -13.95 -16.29
CA LEU A 255 -28.72 -14.06 -17.14
C LEU A 255 -28.78 -15.30 -18.04
N LYS A 256 -29.15 -16.43 -17.44
CA LYS A 256 -29.32 -17.69 -18.17
C LYS A 256 -30.43 -17.58 -19.23
N GLU A 257 -31.44 -16.76 -18.93
CA GLU A 257 -32.59 -16.57 -19.80
C GLU A 257 -32.43 -15.45 -20.84
N GLY A 258 -31.27 -14.80 -20.86
CA GLY A 258 -30.92 -13.87 -21.94
C GLY A 258 -30.94 -12.37 -21.66
N THR A 259 -31.09 -11.98 -20.39
CA THR A 259 -31.00 -10.58 -20.03
C THR A 259 -29.53 -10.13 -20.01
N ARG A 260 -29.28 -8.96 -20.61
CA ARG A 260 -27.94 -8.41 -20.71
C ARG A 260 -27.87 -6.98 -20.19
N MET A 261 -26.67 -6.56 -19.78
CA MET A 261 -26.42 -5.16 -19.44
C MET A 261 -26.70 -4.25 -20.63
N ARG A 262 -27.14 -3.03 -20.32
CA ARG A 262 -27.36 -1.99 -21.32
C ARG A 262 -26.03 -1.33 -21.68
N ALA A 263 -26.02 -0.60 -22.80
CA ALA A 263 -24.82 0.07 -23.28
C ALA A 263 -24.27 1.05 -22.24
N PRO A 264 -22.95 0.97 -21.96
CA PRO A 264 -22.35 1.89 -21.00
C PRO A 264 -22.15 3.29 -21.61
N ASP A 265 -21.81 4.26 -20.77
CA ASP A 265 -21.82 5.68 -21.14
C ASP A 265 -20.81 6.13 -22.22
N TYR A 266 -19.71 5.38 -22.35
CA TYR A 266 -18.61 5.81 -23.24
C TYR A 266 -18.41 4.88 -24.43
N THR A 267 -19.38 3.99 -24.65
CA THR A 267 -19.27 2.99 -25.70
C THR A 267 -19.55 3.58 -27.09
N THR A 268 -19.06 2.88 -28.11
CA THR A 268 -19.48 3.11 -29.49
C THR A 268 -20.49 2.00 -29.81
N PRO A 269 -21.34 2.22 -30.85
CA PRO A 269 -22.32 1.17 -31.20
C PRO A 269 -21.69 -0.19 -31.55
N GLU A 270 -20.55 -0.18 -32.24
CA GLU A 270 -19.85 -1.42 -32.62
C GLU A 270 -19.26 -2.13 -31.39
N MET A 271 -18.79 -1.36 -30.42
CA MET A 271 -18.23 -1.93 -29.21
C MET A 271 -19.29 -2.60 -28.34
N TYR A 272 -20.49 -2.02 -28.29
CA TYR A 272 -21.59 -2.63 -27.54
C TYR A 272 -22.07 -3.90 -28.20
N GLN A 273 -22.12 -3.91 -29.54
CA GLN A 273 -22.47 -5.11 -30.29
C GLN A 273 -21.45 -6.22 -30.03
N THR A 274 -20.17 -5.85 -29.91
CA THR A 274 -19.11 -6.78 -29.56
C THR A 274 -19.29 -7.40 -28.17
N MET A 275 -19.76 -6.60 -27.21
CA MET A 275 -20.09 -7.08 -25.87
C MET A 275 -21.21 -8.11 -25.94
N LEU A 276 -22.27 -7.78 -26.69
CA LEU A 276 -23.39 -8.70 -26.90
C LEU A 276 -22.95 -10.01 -27.55
N ASP A 277 -22.00 -9.93 -28.49
CA ASP A 277 -21.44 -11.13 -29.14
C ASP A 277 -20.72 -12.00 -28.13
N CYS A 278 -19.93 -11.38 -27.26
CA CYS A 278 -19.24 -12.10 -26.18
C CYS A 278 -20.22 -12.73 -25.20
N TRP A 279 -21.39 -12.09 -25.06
CA TRP A 279 -22.43 -12.57 -24.14
C TRP A 279 -23.47 -13.50 -24.78
N HIS A 280 -23.10 -14.16 -25.88
CA HIS A 280 -24.01 -15.12 -26.51
C HIS A 280 -24.26 -16.30 -25.57
N GLY A 281 -25.51 -16.77 -25.53
CA GLY A 281 -25.90 -17.89 -24.67
C GLY A 281 -25.18 -19.20 -25.01
N GLU A 282 -24.93 -19.42 -26.30
CA GLU A 282 -24.19 -20.58 -26.75
C GLU A 282 -22.71 -20.24 -26.86
N PRO A 283 -21.87 -20.89 -26.03
CA PRO A 283 -20.42 -20.66 -25.99
C PRO A 283 -19.74 -20.79 -27.36
N SER A 284 -20.22 -21.72 -28.18
CA SER A 284 -19.65 -21.94 -29.51
C SER A 284 -20.02 -20.83 -30.50
N GLN A 285 -21.00 -20.00 -30.14
CA GLN A 285 -21.43 -18.91 -31.02
C GLN A 285 -20.81 -17.57 -30.66
N ARG A 286 -19.97 -17.57 -29.64
CA ARG A 286 -19.20 -16.38 -29.27
C ARG A 286 -17.98 -16.25 -30.19
N PRO A 287 -17.52 -15.02 -30.46
CA PRO A 287 -16.29 -14.87 -31.23
C PRO A 287 -15.09 -15.50 -30.50
N THR A 288 -14.09 -15.92 -31.27
CA THR A 288 -12.82 -16.37 -30.69
C THR A 288 -12.00 -15.13 -30.33
N PHE A 289 -10.95 -15.32 -29.53
CA PHE A 289 -10.05 -14.19 -29.26
C PHE A 289 -9.35 -13.71 -30.54
N SER A 290 -9.02 -14.63 -31.44
CA SER A 290 -8.50 -14.29 -32.77
C SER A 290 -9.44 -13.38 -33.57
N GLU A 291 -10.74 -13.68 -33.54
CA GLU A 291 -11.75 -12.85 -34.19
C GLU A 291 -11.90 -11.48 -33.50
N LEU A 292 -11.80 -11.48 -32.18
CA LEU A 292 -11.85 -10.23 -31.40
C LEU A 292 -10.65 -9.33 -31.66
N VAL A 293 -9.47 -9.92 -31.80
CA VAL A 293 -8.25 -9.19 -32.13
C VAL A 293 -8.37 -8.49 -33.49
N GLU A 294 -8.86 -9.20 -34.49
CA GLU A 294 -9.01 -8.65 -35.84
C GLU A 294 -10.09 -7.55 -35.85
N HIS A 295 -11.25 -7.85 -35.28
CA HIS A 295 -12.35 -6.90 -35.18
C HIS A 295 -11.95 -5.61 -34.45
N LEU A 296 -11.38 -5.73 -33.25
CA LEU A 296 -10.95 -4.55 -32.46
C LEU A 296 -9.85 -3.75 -33.15
N GLY A 297 -8.95 -4.44 -33.84
CA GLY A 297 -7.91 -3.80 -34.65
C GLY A 297 -8.46 -2.95 -35.77
N ASN A 298 -9.53 -3.43 -36.42
CA ASN A 298 -10.24 -2.68 -37.47
C ASN A 298 -10.99 -1.46 -36.92
N LEU A 299 -11.58 -1.60 -35.75
CA LEU A 299 -12.28 -0.49 -35.08
C LEU A 299 -11.30 0.56 -34.57
N LEU A 300 -10.11 0.12 -34.15
CA LEU A 300 -9.04 1.03 -33.77
C LEU A 300 -8.57 1.85 -34.97
N GLN A 301 -8.44 1.19 -36.13
CA GLN A 301 -8.00 1.87 -37.35
C GLN A 301 -9.06 2.84 -37.89
N ALA A 302 -10.32 2.43 -37.85
CA ALA A 302 -11.43 3.29 -38.26
C ALA A 302 -11.51 4.53 -37.38
N ASN A 303 -11.42 4.32 -36.06
CA ASN A 303 -11.39 5.42 -35.10
C ASN A 303 -10.25 6.41 -35.34
N ALA A 304 -9.06 5.90 -35.64
CA ALA A 304 -7.88 6.72 -35.94
C ALA A 304 -8.04 7.52 -37.23
N GLN A 305 -8.64 6.89 -38.24
CA GLN A 305 -8.91 7.58 -39.50
C GLN A 305 -9.91 8.70 -39.29
N GLN A 306 -10.94 8.42 -38.49
CA GLN A 306 -11.93 9.43 -38.09
C GLN A 306 -11.26 10.59 -37.37
N ASP A 307 -10.38 10.28 -36.41
CA ASP A 307 -9.66 11.28 -35.63
C ASP A 307 -8.81 12.22 -36.50
N ARG A 308 -8.10 11.65 -37.47
CA ARG A 308 -7.25 12.43 -38.37
C ARG A 308 -8.06 13.41 -39.21
N HIS A 309 -9.31 13.05 -39.51
CA HIS A 309 -10.25 13.94 -40.18
C HIS A 309 -10.78 15.05 -39.26
N HIS A 310 -11.04 14.70 -38.00
CA HIS A 310 -11.46 15.70 -37.00
C HIS A 310 -10.35 16.73 -36.77
N HIS A 311 -9.13 16.22 -36.65
CA HIS A 311 -7.93 17.04 -36.41
C HIS A 311 -7.65 17.99 -37.58
N HIS A 312 -7.83 17.48 -38.80
CA HIS A 312 -7.54 18.22 -40.02
C HIS A 312 -8.50 19.40 -40.24
N HIS A 313 -9.79 19.14 -40.09
CA HIS A 313 -10.81 20.14 -40.43
C HIS A 313 -11.04 21.19 -39.33
N HIS A 314 -10.41 20.98 -38.17
CA HIS A 314 -10.57 21.90 -37.04
C HIS A 314 -9.21 22.34 -36.46
N LEU B 6 14.75 -8.10 33.87
CA LEU B 6 14.27 -8.68 32.58
C LEU B 6 15.37 -9.55 31.94
N PRO B 7 14.97 -10.65 31.26
CA PRO B 7 15.93 -11.54 30.60
C PRO B 7 16.16 -11.24 29.11
N TYR B 8 17.12 -11.95 28.51
CA TYR B 8 17.43 -11.81 27.09
C TYR B 8 17.60 -13.19 26.43
N ASP B 9 16.80 -13.46 25.42
CA ASP B 9 16.86 -14.73 24.70
C ASP B 9 17.65 -14.60 23.41
N ALA B 10 18.85 -15.18 23.40
CA ALA B 10 19.75 -15.10 22.26
C ALA B 10 19.29 -15.94 21.09
N SER B 11 18.65 -17.07 21.40
CA SER B 11 18.16 -18.00 20.38
C SER B 11 17.14 -17.30 19.46
N LYS B 12 16.41 -16.36 20.05
CA LYS B 12 15.35 -15.63 19.35
C LYS B 12 15.82 -14.29 18.80
N TRP B 13 16.63 -13.56 19.56
CA TRP B 13 16.92 -12.16 19.26
C TRP B 13 18.32 -11.83 18.72
N GLU B 14 19.31 -12.66 19.02
CA GLU B 14 20.70 -12.37 18.63
C GLU B 14 20.90 -12.45 17.12
N PHE B 15 21.61 -11.47 16.57
CA PHE B 15 21.82 -11.35 15.13
C PHE B 15 23.29 -11.08 14.85
N PRO B 16 23.91 -11.87 13.95
CA PRO B 16 25.32 -11.72 13.58
C PRO B 16 25.63 -10.36 12.97
N ARG B 17 26.73 -9.76 13.41
CA ARG B 17 27.14 -8.41 12.99
C ARG B 17 27.64 -8.32 11.55
N ASP B 18 28.22 -9.40 11.04
CA ASP B 18 28.76 -9.39 9.67
C ASP B 18 27.66 -9.55 8.61
N ARG B 19 26.43 -9.78 9.08
CA ARG B 19 25.25 -9.80 8.21
C ARG B 19 24.50 -8.46 8.29
N LEU B 20 25.17 -7.46 8.88
CA LEU B 20 24.62 -6.13 9.03
C LEU B 20 25.60 -5.12 8.41
N LYS B 21 25.16 -4.46 7.34
CA LYS B 21 26.00 -3.46 6.68
C LYS B 21 25.51 -2.05 7.04
N LEU B 22 26.31 -1.35 7.84
CA LEU B 22 25.96 -0.02 8.33
C LEU B 22 26.08 1.05 7.25
N GLY B 23 25.10 1.96 7.22
CA GLY B 23 25.06 3.05 6.25
C GLY B 23 25.04 4.42 6.90
N LYS B 24 24.11 5.27 6.47
CA LYS B 24 24.06 6.67 6.91
C LYS B 24 23.27 6.89 8.21
N PRO B 25 23.83 7.67 9.16
CA PRO B 25 23.15 8.02 10.41
C PRO B 25 21.83 8.74 10.21
N LEU B 26 20.89 8.49 11.12
CA LEU B 26 19.57 9.14 11.11
C LEU B 26 19.45 10.10 12.31
N GLY B 27 20.39 9.99 13.24
CA GLY B 27 20.41 10.81 14.45
C GLY B 27 21.76 10.81 15.15
N GLN B 33 22.89 6.75 19.21
CA GLN B 33 23.06 7.02 17.80
C GLN B 33 22.24 6.06 16.94
N VAL B 34 21.29 6.60 16.16
CA VAL B 34 20.46 5.82 15.27
C VAL B 34 21.04 5.83 13.85
N ILE B 35 21.22 4.63 13.28
CA ILE B 35 21.86 4.46 11.98
C ILE B 35 21.01 3.57 11.05
N GLU B 36 21.07 3.88 9.76
CA GLU B 36 20.40 3.08 8.73
C GLU B 36 21.33 1.95 8.27
N ALA B 37 20.80 0.73 8.16
CA ALA B 37 21.63 -0.41 7.76
C ALA B 37 20.90 -1.43 6.87
N ASP B 38 21.67 -2.17 6.09
CA ASP B 38 21.15 -3.33 5.36
C ASP B 38 21.38 -4.60 6.18
N ALA B 39 20.29 -5.32 6.44
CA ALA B 39 20.35 -6.59 7.16
C ALA B 39 20.03 -7.78 6.26
N PHE B 40 20.96 -8.72 6.19
CA PHE B 40 20.76 -9.97 5.47
C PHE B 40 20.13 -11.03 6.39
N GLY B 41 18.91 -11.45 6.03
CA GLY B 41 18.20 -12.54 6.69
C GLY B 41 17.79 -12.33 8.13
N ILE B 42 17.39 -11.11 8.50
CA ILE B 42 16.95 -10.82 9.86
C ILE B 42 15.54 -11.36 10.16
N ASP B 43 14.78 -11.65 9.11
CA ASP B 43 13.46 -12.26 9.24
C ASP B 43 13.36 -13.54 8.39
N LYS B 44 12.19 -14.19 8.44
CA LYS B 44 11.98 -15.50 7.82
C LYS B 44 12.00 -15.54 6.29
N THR B 45 11.97 -14.38 5.65
CA THR B 45 11.98 -14.33 4.17
C THR B 45 13.36 -14.61 3.58
N ALA B 46 14.39 -14.57 4.43
CA ALA B 46 15.80 -14.71 4.04
C ALA B 46 16.24 -13.71 2.96
N THR B 47 15.64 -12.52 3.00
CA THR B 47 15.91 -11.46 2.03
C THR B 47 16.75 -10.34 2.65
N CYS B 48 17.04 -9.32 1.84
CA CYS B 48 17.74 -8.14 2.32
C CYS B 48 16.73 -7.11 2.78
N ARG B 49 17.02 -6.45 3.90
CA ARG B 49 16.09 -5.52 4.49
C ARG B 49 16.84 -4.30 5.02
N THR B 50 16.27 -3.12 4.76
CA THR B 50 16.73 -1.89 5.38
C THR B 50 16.21 -1.83 6.81
N VAL B 51 17.13 -1.67 7.75
CA VAL B 51 16.80 -1.60 9.17
C VAL B 51 17.36 -0.33 9.81
N ALA B 52 16.87 -0.02 11.02
CA ALA B 52 17.45 1.05 11.83
C ALA B 52 18.19 0.44 13.00
N VAL B 53 19.34 1.02 13.34
CA VAL B 53 20.20 0.48 14.39
C VAL B 53 20.60 1.57 15.37
N LYS B 54 20.27 1.36 16.64
CA LYS B 54 20.70 2.25 17.71
C LYS B 54 21.93 1.66 18.38
N MET B 55 22.97 2.48 18.51
CA MET B 55 24.23 2.04 19.09
C MET B 55 24.94 3.13 19.88
N LEU B 56 25.99 2.74 20.61
CA LEU B 56 26.77 3.67 21.43
C LEU B 56 27.88 4.30 20.60
N ALA B 60 32.49 6.05 25.94
CA ALA B 60 31.18 5.43 26.14
C ALA B 60 31.10 4.71 27.49
N THR B 61 30.21 5.20 28.36
CA THR B 61 30.07 4.72 29.73
C THR B 61 29.24 3.42 29.82
N HIS B 62 29.48 2.65 30.88
CA HIS B 62 28.70 1.45 31.19
C HIS B 62 27.25 1.77 31.50
N SER B 63 27.01 2.94 32.09
CA SER B 63 25.65 3.41 32.37
C SER B 63 24.90 3.73 31.08
N GLU B 64 25.64 4.16 30.05
CA GLU B 64 25.09 4.34 28.71
C GLU B 64 24.79 2.99 28.08
N HIS B 65 25.71 2.03 28.26
CA HIS B 65 25.54 0.64 27.82
C HIS B 65 24.34 -0.03 28.50
N ARG B 66 24.21 0.17 29.81
CA ARG B 66 23.09 -0.38 30.59
C ARG B 66 21.77 0.26 30.18
N ALA B 67 21.80 1.55 29.84
CA ALA B 67 20.61 2.26 29.38
C ALA B 67 20.12 1.74 28.03
N LEU B 68 21.06 1.41 27.14
CA LEU B 68 20.73 0.83 25.84
C LEU B 68 20.27 -0.62 25.98
N MET B 69 20.84 -1.36 26.92
CA MET B 69 20.42 -2.74 27.22
C MET B 69 19.01 -2.78 27.82
N SER B 70 18.73 -1.85 28.72
CA SER B 70 17.40 -1.75 29.33
C SER B 70 16.36 -1.39 28.28
N GLU B 71 16.76 -0.50 27.37
CA GLU B 71 15.94 -0.09 26.23
C GLU B 71 15.62 -1.28 25.31
N LEU B 72 16.58 -2.20 25.18
CA LEU B 72 16.39 -3.44 24.43
C LEU B 72 15.41 -4.37 25.15
N LYS B 73 15.62 -4.55 26.45
CA LYS B 73 14.82 -5.46 27.26
C LYS B 73 13.36 -5.04 27.39
N ILE B 74 13.12 -3.73 27.45
CA ILE B 74 11.75 -3.21 27.51
C ILE B 74 11.03 -3.45 26.17
N LEU B 75 11.75 -3.30 25.06
CA LEU B 75 11.23 -3.59 23.73
C LEU B 75 10.81 -5.06 23.55
N ILE B 76 11.53 -5.96 24.22
CA ILE B 76 11.17 -7.38 24.25
C ILE B 76 9.91 -7.59 25.11
N HIS B 77 9.91 -6.96 26.29
CA HIS B 77 8.80 -7.01 27.24
C HIS B 77 7.48 -6.49 26.64
N ILE B 78 7.57 -5.38 25.90
CA ILE B 78 6.40 -4.75 25.27
C ILE B 78 5.76 -5.65 24.22
N GLY B 79 6.59 -6.32 23.43
CA GLY B 79 6.10 -7.19 22.35
C GLY B 79 5.70 -6.39 21.12
N HIS B 80 5.00 -7.05 20.20
CA HIS B 80 4.64 -6.46 18.92
C HIS B 80 3.38 -5.61 18.99
N HIS B 81 3.44 -4.44 18.34
CA HIS B 81 2.27 -3.66 17.98
C HIS B 81 2.56 -2.97 16.65
N LEU B 82 1.52 -2.71 15.87
CA LEU B 82 1.67 -2.07 14.56
C LEU B 82 2.13 -0.61 14.68
N ASN B 83 1.66 0.07 15.74
CA ASN B 83 1.94 1.49 15.93
C ASN B 83 3.10 1.79 16.89
N VAL B 84 3.91 0.77 17.14
CA VAL B 84 5.14 0.91 17.91
C VAL B 84 6.26 0.33 17.05
N VAL B 85 7.33 1.08 16.85
CA VAL B 85 8.45 0.65 16.00
C VAL B 85 8.98 -0.74 16.46
N ASN B 86 8.94 -1.70 15.55
CA ASN B 86 9.10 -3.12 15.90
C ASN B 86 10.53 -3.64 15.89
N LEU B 87 10.91 -4.26 17.00
CA LEU B 87 12.25 -4.81 17.20
C LEU B 87 12.45 -6.04 16.33
N LEU B 88 13.61 -6.12 15.68
CA LEU B 88 13.92 -7.23 14.78
C LEU B 88 15.04 -8.13 15.29
N GLY B 89 15.91 -7.56 16.12
CA GLY B 89 17.05 -8.29 16.64
C GLY B 89 18.02 -7.40 17.37
N ALA B 90 19.12 -7.99 17.85
CA ALA B 90 20.15 -7.25 18.58
C ALA B 90 21.52 -7.90 18.46
N CYS B 91 22.56 -7.09 18.63
CA CYS B 91 23.93 -7.58 18.68
C CYS B 91 24.49 -7.27 20.05
N THR B 92 24.56 -8.29 20.89
CA THR B 92 25.01 -8.14 22.28
C THR B 92 26.30 -8.91 22.58
N LYS B 93 26.54 -9.99 21.83
CA LYS B 93 27.71 -10.86 22.04
C LYS B 93 29.03 -10.13 21.76
N PRO B 94 30.14 -10.57 22.40
CA PRO B 94 31.39 -9.80 22.34
C PRO B 94 32.03 -9.79 20.95
N GLY B 95 32.81 -8.74 20.67
CA GLY B 95 33.48 -8.58 19.39
C GLY B 95 33.00 -7.37 18.60
N GLY B 96 32.09 -6.61 19.20
CA GLY B 96 31.56 -5.40 18.57
C GLY B 96 30.63 -4.61 19.48
N PRO B 97 30.20 -3.42 19.01
CA PRO B 97 29.31 -2.53 19.78
C PRO B 97 27.94 -3.15 20.05
N LEU B 98 27.29 -2.65 21.10
CA LEU B 98 25.91 -3.02 21.41
C LEU B 98 24.99 -2.34 20.41
N MET B 99 24.21 -3.14 19.70
CA MET B 99 23.32 -2.64 18.64
C MET B 99 21.90 -3.15 18.81
N VAL B 100 20.94 -2.23 18.74
CA VAL B 100 19.52 -2.54 18.83
C VAL B 100 18.87 -2.31 17.46
N ILE B 101 18.33 -3.38 16.87
CA ILE B 101 17.86 -3.35 15.49
C ILE B 101 16.32 -3.37 15.40
N THR B 102 15.77 -2.36 14.72
CA THR B 102 14.33 -2.28 14.48
C THR B 102 14.04 -2.17 12.99
N GLU B 103 12.76 -2.21 12.64
CA GLU B 103 12.30 -1.89 11.30
C GLU B 103 12.65 -0.44 10.95
N PHE B 104 12.84 -0.18 9.67
CA PHE B 104 13.14 1.16 9.20
C PHE B 104 11.89 1.81 8.60
N CYS B 105 11.57 3.00 9.08
CA CYS B 105 10.46 3.77 8.57
C CYS B 105 11.00 4.80 7.58
N LYS B 106 10.68 4.61 6.29
CA LYS B 106 11.32 5.35 5.19
C LYS B 106 10.96 6.82 5.08
N PHE B 107 9.79 7.21 5.59
CA PHE B 107 9.31 8.58 5.42
C PHE B 107 9.73 9.54 6.54
N GLY B 108 10.37 9.01 7.58
CA GLY B 108 10.93 9.82 8.66
C GLY B 108 9.89 10.28 9.67
N ASN B 109 10.26 11.29 10.47
CA ASN B 109 9.38 11.80 11.52
C ASN B 109 8.16 12.59 10.99
N LEU B 110 7.08 12.56 11.76
CA LEU B 110 5.80 13.15 11.35
C LEU B 110 5.82 14.68 11.21
N SER B 111 6.57 15.35 12.07
CA SER B 111 6.72 16.82 12.02
C SER B 111 7.30 17.28 10.68
N THR B 112 8.38 16.64 10.25
CA THR B 112 9.02 16.94 8.97
C THR B 112 8.14 16.59 7.76
N TYR B 113 7.47 15.44 7.84
CA TYR B 113 6.57 15.01 6.76
C TYR B 113 5.41 15.99 6.58
N LEU B 114 4.73 16.32 7.68
CA LEU B 114 3.58 17.22 7.65
C LEU B 114 3.94 18.62 7.13
N ARG B 115 5.11 19.14 7.51
CA ARG B 115 5.60 20.43 6.98
C ARG B 115 5.73 20.42 5.47
N SER B 116 6.22 19.31 4.92
CA SER B 116 6.43 19.16 3.48
C SER B 116 5.13 18.92 2.71
N LYS B 117 4.03 18.70 3.42
CA LYS B 117 2.74 18.41 2.80
C LYS B 117 1.74 19.56 2.93
N ARG B 118 2.21 20.69 3.46
CA ARG B 118 1.36 21.87 3.67
C ARG B 118 0.71 22.40 2.38
N ASN B 119 1.50 22.45 1.31
CA ASN B 119 1.01 22.90 0.00
C ASN B 119 0.37 21.76 -0.80
N GLU B 120 0.13 20.64 -0.13
CA GLU B 120 -0.47 19.47 -0.74
C GLU B 120 -1.52 18.88 0.20
N PHE B 121 -2.29 19.77 0.81
CA PHE B 121 -3.29 19.39 1.81
C PHE B 121 -4.67 19.94 1.46
N VAL B 122 -5.69 19.11 1.65
CA VAL B 122 -7.09 19.52 1.51
C VAL B 122 -7.92 19.06 2.71
N PRO B 123 -8.75 19.95 3.27
CA PRO B 123 -9.59 19.60 4.43
C PRO B 123 -10.73 18.63 4.07
N TYR B 124 -11.28 18.78 2.86
CA TYR B 124 -12.32 17.90 2.35
C TYR B 124 -11.74 16.58 1.81
N LYS B 125 -12.61 15.70 1.34
CA LYS B 125 -12.17 14.40 0.79
C LYS B 125 -11.50 14.57 -0.58
N ASP B 134 -1.23 12.58 -4.58
CA ASP B 134 -0.91 12.10 -3.23
C ASP B 134 -1.17 13.20 -2.20
N PHE B 135 -2.38 13.74 -2.21
CA PHE B 135 -2.78 14.79 -1.28
C PHE B 135 -3.02 14.25 0.12
N LEU B 136 -2.47 14.96 1.10
CA LEU B 136 -2.78 14.70 2.49
C LEU B 136 -4.14 15.32 2.81
N THR B 137 -4.96 14.59 3.56
CA THR B 137 -6.31 15.02 3.90
C THR B 137 -6.47 15.12 5.41
N LEU B 138 -7.58 15.70 5.86
CA LEU B 138 -7.85 15.84 7.29
C LEU B 138 -8.18 14.49 7.94
N GLU B 139 -8.69 13.55 7.14
CA GLU B 139 -8.93 12.19 7.60
C GLU B 139 -7.62 11.48 7.95
N HIS B 140 -6.57 11.75 7.17
CA HIS B 140 -5.23 11.24 7.45
C HIS B 140 -4.75 11.72 8.82
N LEU B 141 -4.94 13.01 9.10
CA LEU B 141 -4.52 13.59 10.37
C LEU B 141 -5.23 12.92 11.56
N ILE B 142 -6.54 12.71 11.43
CA ILE B 142 -7.32 11.98 12.43
C ILE B 142 -6.84 10.53 12.55
N CYS B 143 -6.47 9.93 11.41
CA CYS B 143 -5.96 8.56 11.38
C CYS B 143 -4.62 8.42 12.10
N TYR B 144 -3.69 9.34 11.83
CA TYR B 144 -2.41 9.39 12.55
C TYR B 144 -2.60 9.53 14.06
N SER B 145 -3.50 10.43 14.45
CA SER B 145 -3.84 10.66 15.86
C SER B 145 -4.36 9.40 16.53
N PHE B 146 -5.27 8.72 15.82
CA PHE B 146 -5.90 7.49 16.28
C PHE B 146 -4.89 6.36 16.49
N GLN B 147 -3.97 6.21 15.53
CA GLN B 147 -2.92 5.20 15.58
C GLN B 147 -1.93 5.39 16.72
N VAL B 148 -1.55 6.64 16.98
CA VAL B 148 -0.60 6.95 18.05
C VAL B 148 -1.23 6.67 19.42
N ALA B 149 -2.52 6.96 19.55
CA ALA B 149 -3.26 6.67 20.78
C ALA B 149 -3.36 5.17 21.03
N LYS B 150 -3.48 4.40 19.95
CA LYS B 150 -3.50 2.94 20.03
C LYS B 150 -2.15 2.39 20.50
N GLY B 151 -1.08 2.92 19.91
CA GLY B 151 0.27 2.58 20.33
C GLY B 151 0.48 2.89 21.80
N MET B 152 0.04 4.07 22.22
CA MET B 152 0.15 4.52 23.60
C MET B 152 -0.73 3.73 24.58
N GLU B 153 -1.95 3.42 24.17
CA GLU B 153 -2.86 2.58 24.97
C GLU B 153 -2.22 1.21 25.21
N PHE B 154 -1.59 0.69 24.16
CA PHE B 154 -0.85 -0.56 24.23
C PHE B 154 0.33 -0.47 25.20
N LEU B 155 1.13 0.57 25.08
CA LEU B 155 2.27 0.81 25.97
C LEU B 155 1.83 0.95 27.43
N ALA B 156 0.69 1.62 27.64
CA ALA B 156 0.10 1.78 28.97
C ALA B 156 -0.31 0.43 29.59
N SER B 157 -0.89 -0.44 28.76
CA SER B 157 -1.27 -1.80 29.20
C SER B 157 -0.04 -2.62 29.62
N ARG B 158 1.09 -2.38 28.98
CA ARG B 158 2.36 -3.01 29.36
C ARG B 158 3.02 -2.30 30.55
N LYS B 159 2.35 -1.26 31.06
CA LYS B 159 2.83 -0.44 32.18
C LYS B 159 4.11 0.33 31.84
N CYS B 160 4.18 0.80 30.59
CA CYS B 160 5.29 1.60 30.11
C CYS B 160 4.88 3.07 29.98
N ILE B 161 5.87 3.94 30.15
CA ILE B 161 5.71 5.38 29.97
C ILE B 161 6.71 5.81 28.90
N HIS B 162 6.27 6.61 27.93
CA HIS B 162 7.16 7.04 26.85
C HIS B 162 8.14 8.12 27.30
N ARG B 163 7.62 9.13 28.01
CA ARG B 163 8.42 10.22 28.61
C ARG B 163 8.81 11.35 27.64
N ASP B 164 8.70 11.09 26.34
CA ASP B 164 9.01 12.10 25.32
C ASP B 164 8.12 11.96 24.07
N LEU B 165 6.82 11.91 24.30
CA LEU B 165 5.85 11.79 23.21
C LEU B 165 5.73 13.12 22.45
N ALA B 166 6.28 13.12 21.23
CA ALA B 166 6.31 14.30 20.37
C ALA B 166 6.30 13.82 18.93
N ALA B 167 5.93 14.72 18.01
CA ALA B 167 5.89 14.39 16.57
C ALA B 167 7.23 13.96 15.99
N ARG B 168 8.31 14.47 16.55
CA ARG B 168 9.68 14.05 16.19
C ARG B 168 9.95 12.59 16.53
N ASN B 169 9.17 12.05 17.47
CA ASN B 169 9.27 10.65 17.87
C ASN B 169 8.17 9.78 17.26
N ILE B 170 7.50 10.32 16.24
CA ILE B 170 6.49 9.60 15.49
C ILE B 170 6.96 9.41 14.06
N LEU B 171 7.05 8.14 13.64
CA LEU B 171 7.61 7.80 12.33
C LEU B 171 6.54 7.33 11.37
N LEU B 172 6.70 7.69 10.10
CA LEU B 172 5.76 7.29 9.05
C LEU B 172 6.33 6.17 8.19
N SER B 173 5.56 5.08 8.10
CA SER B 173 5.86 3.98 7.18
C SER B 173 4.93 4.00 5.96
N GLU B 174 4.96 2.92 5.19
CA GLU B 174 4.08 2.74 4.03
C GLU B 174 2.62 2.56 4.47
N LYS B 175 1.70 2.75 3.51
CA LYS B 175 0.24 2.59 3.73
C LYS B 175 -0.30 3.54 4.81
N ASN B 176 0.34 4.71 4.93
CA ASN B 176 0.01 5.72 5.95
C ASN B 176 -0.03 5.22 7.40
N VAL B 177 0.86 4.28 7.69
CA VAL B 177 1.00 3.71 9.03
C VAL B 177 2.01 4.55 9.80
N VAL B 178 1.63 4.98 11.01
CA VAL B 178 2.55 5.67 11.91
C VAL B 178 2.99 4.82 13.09
N LYS B 179 4.24 4.98 13.48
CA LYS B 179 4.84 4.18 14.54
C LYS B 179 5.53 5.04 15.60
N ILE B 180 5.27 4.74 16.86
CA ILE B 180 5.94 5.40 17.98
C ILE B 180 7.39 4.93 18.07
N CYS B 181 8.31 5.89 18.16
CA CYS B 181 9.72 5.59 18.35
C CYS B 181 10.31 6.44 19.47
N ASP B 182 11.60 6.28 19.73
CA ASP B 182 12.32 7.12 20.68
C ASP B 182 13.77 7.27 20.22
N PHE B 183 14.10 8.46 19.73
CA PHE B 183 15.44 8.76 19.21
C PHE B 183 16.49 8.81 20.32
N GLY B 184 16.23 9.62 21.34
CA GLY B 184 17.13 9.74 22.50
C GLY B 184 17.80 11.10 22.55
N LEU B 203 13.92 22.54 24.20
CA LEU B 203 12.63 22.29 23.56
C LEU B 203 11.65 21.43 24.38
N PRO B 204 12.09 20.22 24.81
CA PRO B 204 11.17 19.20 25.38
C PRO B 204 10.28 19.65 26.54
N LEU B 205 10.61 20.78 27.18
CA LEU B 205 9.76 21.35 28.23
C LEU B 205 8.39 21.76 27.68
N LYS B 206 8.33 22.07 26.38
CA LYS B 206 7.08 22.40 25.70
C LYS B 206 6.13 21.21 25.53
N TRP B 207 6.65 20.01 25.68
CA TRP B 207 5.85 18.78 25.59
C TRP B 207 5.54 18.19 26.97
N MET B 208 6.14 18.75 28.02
CA MET B 208 6.02 18.23 29.37
C MET B 208 4.81 18.77 30.12
N ALA B 209 4.18 17.89 30.91
CA ALA B 209 3.08 18.28 31.78
C ALA B 209 3.58 19.16 32.93
N PRO B 210 2.70 20.05 33.46
CA PRO B 210 3.08 20.94 34.56
C PRO B 210 3.77 20.22 35.72
N GLU B 211 3.17 19.12 36.18
CA GLU B 211 3.66 18.36 37.33
C GLU B 211 5.01 17.67 37.06
N THR B 212 5.34 17.46 35.79
CA THR B 212 6.62 16.88 35.40
C THR B 212 7.74 17.93 35.38
N ILE B 213 7.38 19.17 35.01
CA ILE B 213 8.32 20.28 34.99
C ILE B 213 8.80 20.62 36.40
N PHE B 214 7.87 20.63 37.35
CA PHE B 214 8.20 20.93 38.74
C PHE B 214 8.78 19.73 39.47
N ASP B 215 8.01 18.63 39.50
CA ASP B 215 8.31 17.49 40.37
C ASP B 215 9.18 16.40 39.74
N ARG B 216 9.35 16.47 38.41
CA ARG B 216 10.05 15.44 37.63
C ARG B 216 9.35 14.06 37.64
N VAL B 217 8.06 14.09 37.95
CA VAL B 217 7.25 12.87 38.00
C VAL B 217 6.71 12.56 36.60
N TYR B 218 7.17 11.43 36.05
CA TYR B 218 6.70 10.95 34.74
C TYR B 218 5.65 9.86 34.94
N THR B 219 4.45 10.10 34.42
CA THR B 219 3.35 9.15 34.52
C THR B 219 2.72 8.88 33.16
N ILE B 220 1.71 8.00 33.13
CA ILE B 220 0.89 7.77 31.95
C ILE B 220 0.00 8.99 31.73
N GLN B 221 -0.36 9.64 32.84
CA GLN B 221 -1.16 10.86 32.83
C GLN B 221 -0.42 12.03 32.17
N SER B 222 0.88 12.11 32.40
CA SER B 222 1.73 13.14 31.80
C SER B 222 1.99 12.88 30.31
N ASP B 223 2.04 11.60 29.92
CA ASP B 223 2.09 11.21 28.51
C ASP B 223 0.88 11.73 27.74
N VAL B 224 -0.28 11.75 28.40
CA VAL B 224 -1.52 12.24 27.80
C VAL B 224 -1.44 13.73 27.50
N TRP B 225 -0.85 14.50 28.42
CA TRP B 225 -0.58 15.90 28.17
C TRP B 225 0.27 16.06 26.90
N SER B 226 1.39 15.33 26.85
CA SER B 226 2.28 15.33 25.69
C SER B 226 1.54 14.96 24.40
N PHE B 227 0.59 14.03 24.52
CA PHE B 227 -0.26 13.63 23.40
C PHE B 227 -1.11 14.80 22.88
N GLY B 228 -1.54 15.69 23.78
CA GLY B 228 -2.25 16.90 23.41
C GLY B 228 -1.39 17.84 22.59
N VAL B 229 -0.14 18.01 23.01
CA VAL B 229 0.85 18.80 22.28
C VAL B 229 1.12 18.18 20.89
N LEU B 230 1.21 16.85 20.84
CA LEU B 230 1.37 16.10 19.59
C LEU B 230 0.20 16.30 18.63
N LEU B 231 -1.02 16.29 19.17
CA LEU B 231 -2.22 16.62 18.39
C LEU B 231 -2.12 18.01 17.78
N TRP B 232 -1.65 18.98 18.57
CA TRP B 232 -1.47 20.35 18.12
C TRP B 232 -0.47 20.41 16.95
N GLU B 233 0.65 19.68 17.10
CA GLU B 233 1.65 19.54 16.03
C GLU B 233 1.03 18.96 14.75
N ILE B 234 0.18 17.96 14.92
CA ILE B 234 -0.47 17.28 13.79
C ILE B 234 -1.44 18.21 13.06
N PHE B 235 -2.28 18.92 13.81
CA PHE B 235 -3.32 19.76 13.21
C PHE B 235 -2.86 21.20 12.93
N SER B 236 -1.55 21.43 13.09
CA SER B 236 -0.90 22.64 12.61
C SER B 236 0.02 22.26 11.45
N LEU B 237 0.01 20.98 11.11
CA LEU B 237 0.88 20.41 10.08
C LEU B 237 2.37 20.69 10.33
N GLY B 238 2.83 20.28 11.52
CA GLY B 238 4.27 20.31 11.85
C GLY B 238 4.82 21.60 12.41
N ALA B 239 3.96 22.47 12.93
CA ALA B 239 4.41 23.70 13.57
C ALA B 239 5.02 23.42 14.94
N SER B 240 5.73 24.41 15.48
CA SER B 240 6.35 24.28 16.79
C SER B 240 5.46 24.87 17.89
N PRO B 241 5.22 24.10 18.97
CA PRO B 241 4.37 24.49 20.11
C PRO B 241 4.74 25.84 20.72
N TYR B 242 3.74 26.52 21.27
CA TYR B 242 3.89 27.86 21.86
C TYR B 242 4.79 28.78 21.02
N PRO B 243 4.29 29.23 19.85
CA PRO B 243 5.09 30.06 18.93
C PRO B 243 5.48 31.40 19.54
N GLY B 244 6.76 31.75 19.40
CA GLY B 244 7.27 33.04 19.85
C GLY B 244 7.33 33.26 21.36
N VAL B 245 7.13 32.19 22.13
CA VAL B 245 7.12 32.25 23.59
C VAL B 245 8.46 31.78 24.15
N LYS B 246 9.02 32.56 25.07
CA LYS B 246 10.23 32.14 25.80
C LYS B 246 9.89 31.08 26.83
N ILE B 247 10.76 30.07 26.94
CA ILE B 247 10.56 28.99 27.90
C ILE B 247 11.27 29.31 29.21
N ASP B 248 10.53 29.95 30.12
CA ASP B 248 11.09 30.45 31.38
C ASP B 248 10.09 30.35 32.54
N GLU B 249 10.37 31.08 33.63
CA GLU B 249 9.52 31.12 34.82
C GLU B 249 8.08 31.51 34.49
N GLU B 250 7.92 32.56 33.68
CA GLU B 250 6.61 33.07 33.27
C GLU B 250 5.77 32.04 32.51
N PHE B 251 6.44 31.26 31.65
CA PHE B 251 5.81 30.19 30.88
C PHE B 251 5.15 29.16 31.80
N CYS B 252 5.87 28.77 32.85
CA CYS B 252 5.37 27.81 33.84
C CYS B 252 4.26 28.38 34.72
N ARG B 253 4.33 29.68 34.99
CA ARG B 253 3.33 30.38 35.80
C ARG B 253 2.01 30.51 35.04
N ARG B 254 2.10 30.91 33.77
CA ARG B 254 0.93 31.03 32.90
C ARG B 254 0.30 29.66 32.62
N LEU B 255 1.14 28.62 32.61
CA LEU B 255 0.70 27.24 32.49
C LEU B 255 -0.09 26.82 33.73
N LYS B 256 0.41 27.22 34.90
CA LYS B 256 -0.25 26.91 36.17
C LYS B 256 -1.55 27.71 36.35
N GLU B 257 -1.60 28.88 35.71
CA GLU B 257 -2.80 29.72 35.69
C GLU B 257 -3.94 29.10 34.88
N GLY B 258 -3.59 28.35 33.85
CA GLY B 258 -4.58 27.69 32.99
C GLY B 258 -4.60 28.19 31.56
N THR B 259 -3.56 28.93 31.17
CA THR B 259 -3.42 29.42 29.80
C THR B 259 -2.96 28.27 28.89
N ARG B 260 -3.65 28.12 27.76
CA ARG B 260 -3.36 27.06 26.80
C ARG B 260 -3.20 27.63 25.39
N MET B 261 -2.47 26.89 24.53
CA MET B 261 -2.31 27.23 23.13
C MET B 261 -3.65 27.40 22.44
N ARG B 262 -3.74 28.40 21.57
CA ARG B 262 -4.92 28.60 20.74
C ARG B 262 -4.98 27.53 19.65
N ALA B 263 -6.17 27.36 19.06
CA ALA B 263 -6.40 26.34 18.04
C ALA B 263 -5.47 26.49 16.84
N PRO B 264 -4.86 25.37 16.40
CA PRO B 264 -4.04 25.34 15.19
C PRO B 264 -4.87 25.51 13.92
N ASP B 265 -4.22 25.83 12.81
CA ASP B 265 -4.89 26.20 11.56
C ASP B 265 -5.81 25.14 10.95
N TYR B 266 -5.41 23.87 11.05
CA TYR B 266 -6.11 22.78 10.36
C TYR B 266 -6.88 21.87 11.32
N THR B 267 -7.18 22.38 12.50
CA THR B 267 -7.93 21.59 13.49
C THR B 267 -9.44 21.62 13.21
N THR B 268 -10.16 20.71 13.85
CA THR B 268 -11.61 20.79 13.93
C THR B 268 -11.99 21.22 15.35
N PRO B 269 -13.19 21.83 15.53
CA PRO B 269 -13.68 22.16 16.87
C PRO B 269 -13.59 20.98 17.85
N GLU B 270 -13.94 19.78 17.39
CA GLU B 270 -13.89 18.57 18.21
C GLU B 270 -12.47 18.20 18.66
N MET B 271 -11.52 18.29 17.74
CA MET B 271 -10.13 17.92 18.01
C MET B 271 -9.44 18.90 18.96
N TYR B 272 -9.77 20.19 18.83
CA TYR B 272 -9.21 21.20 19.72
C TYR B 272 -9.74 21.07 21.14
N GLN B 273 -10.98 20.59 21.26
CA GLN B 273 -11.55 20.27 22.57
C GLN B 273 -10.80 19.09 23.19
N THR B 274 -10.46 18.11 22.35
CA THR B 274 -9.67 16.95 22.77
C THR B 274 -8.29 17.36 23.30
N MET B 275 -7.69 18.38 22.66
CA MET B 275 -6.41 18.95 23.12
C MET B 275 -6.54 19.59 24.50
N LEU B 276 -7.65 20.31 24.72
CA LEU B 276 -7.91 20.94 26.01
C LEU B 276 -8.19 19.91 27.10
N ASP B 277 -8.85 18.82 26.74
CA ASP B 277 -9.07 17.69 27.65
C ASP B 277 -7.73 17.07 28.08
N CYS B 278 -6.85 16.85 27.11
CA CYS B 278 -5.49 16.36 27.36
C CYS B 278 -4.67 17.33 28.22
N TRP B 279 -5.00 18.62 28.14
CA TRP B 279 -4.26 19.67 28.86
C TRP B 279 -4.91 20.07 30.19
N HIS B 280 -5.61 19.14 30.82
CA HIS B 280 -6.23 19.40 32.13
C HIS B 280 -5.15 19.52 33.21
N GLY B 281 -5.23 20.58 34.00
CA GLY B 281 -4.29 20.85 35.09
C GLY B 281 -4.16 19.69 36.06
N GLU B 282 -5.28 19.03 36.32
CA GLU B 282 -5.33 17.84 37.17
C GLU B 282 -5.17 16.58 36.32
N PRO B 283 -4.07 15.82 36.54
CA PRO B 283 -3.74 14.59 35.81
C PRO B 283 -4.83 13.51 35.83
N SER B 284 -5.56 13.42 36.94
CA SER B 284 -6.64 12.44 37.08
C SER B 284 -7.86 12.80 36.24
N GLN B 285 -7.89 14.04 35.74
CA GLN B 285 -9.02 14.56 34.98
C GLN B 285 -8.79 14.56 33.46
N ARG B 286 -7.57 14.25 33.06
CA ARG B 286 -7.23 14.04 31.65
C ARG B 286 -7.84 12.72 31.17
N PRO B 287 -8.13 12.60 29.86
CA PRO B 287 -8.62 11.32 29.35
C PRO B 287 -7.53 10.24 29.45
N THR B 288 -7.95 8.99 29.48
CA THR B 288 -7.02 7.87 29.39
C THR B 288 -6.80 7.58 27.91
N PHE B 289 -5.73 6.84 27.60
CA PHE B 289 -5.45 6.47 26.21
C PHE B 289 -6.55 5.55 25.64
N SER B 290 -7.24 4.83 26.51
CA SER B 290 -8.39 4.02 26.12
C SER B 290 -9.57 4.88 25.65
N GLU B 291 -9.88 5.92 26.43
CA GLU B 291 -10.94 6.87 26.09
C GLU B 291 -10.60 7.65 24.82
N LEU B 292 -9.32 8.00 24.67
CA LEU B 292 -8.82 8.67 23.48
C LEU B 292 -8.96 7.83 22.23
N VAL B 293 -8.66 6.53 22.34
CA VAL B 293 -8.78 5.58 21.23
C VAL B 293 -10.23 5.48 20.72
N GLU B 294 -11.16 5.32 21.64
CA GLU B 294 -12.59 5.21 21.32
C GLU B 294 -13.12 6.49 20.69
N HIS B 295 -12.77 7.63 21.29
CA HIS B 295 -13.21 8.94 20.82
C HIS B 295 -12.74 9.23 19.39
N LEU B 296 -11.45 8.99 19.13
CA LEU B 296 -10.85 9.23 17.81
C LEU B 296 -11.35 8.24 16.76
N GLY B 297 -11.67 7.02 17.21
CA GLY B 297 -12.26 6.01 16.34
C GLY B 297 -13.62 6.42 15.80
N ASN B 298 -14.41 7.06 16.66
CA ASN B 298 -15.72 7.59 16.26
C ASN B 298 -15.63 8.83 15.38
N LEU B 299 -14.61 9.65 15.60
CA LEU B 299 -14.36 10.84 14.78
C LEU B 299 -13.88 10.48 13.37
N LEU B 300 -13.14 9.38 13.27
CA LEU B 300 -12.63 8.89 11.98
C LEU B 300 -13.75 8.33 11.10
N GLN B 301 -14.93 8.20 11.67
CA GLN B 301 -16.11 7.78 10.93
C GLN B 301 -16.97 8.99 10.58
C8 C52 C . 2.05 -8.96 -10.82
C3 C52 C . 1.74 -7.61 -10.60
C4 C52 C . 2.54 -6.59 -11.12
N2 C52 C . 2.22 -5.32 -10.90
C1 C52 C . 1.13 -5.00 -10.18
N3 C52 C . 0.83 -3.71 -9.98
N1 C52 C . 0.33 -5.96 -9.66
C2 C52 C . 0.61 -7.26 -9.86
C5 C52 C . -0.22 -8.27 -9.34
C6 C52 C . 0.10 -9.61 -9.55
C7 C52 C . 1.24 -9.96 -10.29
C9 C52 C . 1.56 -11.32 -10.49
C10 C52 C . 0.76 -12.13 -11.31
O1 C52 C . -0.23 -11.64 -11.88
C13 C52 C . 2.67 -11.89 -9.85
C14 C52 C . 3.60 -11.08 -8.93
C12 C52 C . 2.99 -13.24 -10.03
C11 C52 C . 2.21 -14.04 -10.85
N4 C52 C . 1.08 -13.49 -11.50
C15 C52 C . 0.30 -14.33 -12.33
C16 C52 C . 0.03 -13.96 -13.65
C20 C52 C . -0.20 -15.56 -11.86
C19 C52 C . -0.95 -16.39 -12.69
C18 C52 C . -1.21 -16.00 -14.00
C17 C52 C . -0.72 -14.78 -14.49
C21 C52 C . -1.02 -14.34 -15.92
F2 C52 C . -0.61 -15.25 -16.80
F3 C52 C . -2.35 -14.21 -15.99
F1 C52 C . -0.43 -13.19 -16.24
C8 C52 D . 13.94 3.31 15.00
C3 C52 D . 13.77 4.04 13.83
C4 C52 D . 13.30 3.44 12.66
N2 C52 D . 13.15 4.16 11.55
C1 C52 D . 13.44 5.48 11.54
N3 C52 D . 13.27 6.19 10.43
N1 C52 D . 13.90 6.09 12.65
C2 C52 D . 14.08 5.41 13.81
C5 C52 D . 14.55 6.04 14.96
C6 C52 D . 14.73 5.30 16.14
C7 C52 D . 14.42 3.93 16.15
C9 C52 D . 14.61 3.17 17.33
C10 C52 D . 13.76 3.32 18.44
O1 C52 D . 12.83 4.13 18.38
C13 C52 D . 15.67 2.24 17.42
C14 C52 D . 16.65 2.01 16.25
C12 C52 D . 15.86 1.49 18.57
C11 C52 D . 15.02 1.64 19.66
N4 C52 D . 13.96 2.56 19.60
C15 C52 D . 13.13 2.70 20.73
C16 C52 D . 11.73 2.67 20.64
C20 C52 D . 13.71 2.88 21.98
C19 C52 D . 12.94 3.03 23.13
C18 C52 D . 11.56 3.00 23.02
C17 C52 D . 10.95 2.82 21.78
C21 C52 D . 9.43 2.80 21.69
F2 C52 D . 8.92 2.20 22.76
F3 C52 D . 8.99 4.05 21.61
F1 C52 D . 9.04 2.15 20.60
#